data_7AB8
#
_entry.id   7AB8
#
_cell.length_a   125.067
_cell.length_b   55.544
_cell.length_c   70.961
_cell.angle_alpha   90.000
_cell.angle_beta   90.000
_cell.angle_gamma   90.000
#
_symmetry.space_group_name_H-M   'P 21 21 2'
#
loop_
_entity.id
_entity.type
_entity.pdbx_description
1 polymer 'GDNF family receptor alpha'
2 polymer 'Glial cell line-derived neurotrophic factor'
3 branched 2-acetamido-2-deoxy-beta-D-glucopyranose-(1-4)-2-acetamido-2-deoxy-beta-D-glucopyranose
4 non-polymer 1,2-ETHANEDIOL
5 non-polymer DI(HYDROXYETHYL)ETHER
6 water water
#
loop_
_entity_poly.entity_id
_entity_poly.type
_entity_poly.pdbx_seq_one_letter_code
_entity_poly.pdbx_strand_id
1 'polypeptide(L)'
;ENNCLNAAKACNLNDTCKKYRSAYISPCTSRVSTAEVCNKRKCHKALRQFFDKVPPKHSYGMLYCSCPLGDQSACSERRR
QTIVPACSYEDKERPNCLTLQVSCKTNYICRSRLADFFTNCQPEPLSLSGCLKENYADCLLSYSGLIGTVMTPNYLRSPK
ISVSPFCDCSSSGNSKEECDRFTEFFTDNACLRNAIQAFGNGTGSEFLE
;
A
2 'polypeptide(L)'
;QGRGCLLKEIHLNVTDLDLGYRTKEELIFRYCSGPCHDAETNYDKILNNLTHNKKLDKDTPSRTCCRPIAFDDDISFLDD
SLEYHTLKKHSAKKCACV
;
B
#
loop_
_chem_comp.id
_chem_comp.type
_chem_comp.name
_chem_comp.formula
EDO non-polymer 1,2-ETHANEDIOL 'C2 H6 O2'
NAG D-saccharide, beta linking 2-acetamido-2-deoxy-beta-D-glucopyranose 'C8 H15 N O6'
PEG non-polymer DI(HYDROXYETHYL)ETHER 'C4 H10 O3'
#
# COMPACT_ATOMS: atom_id res chain seq x y z
N GLU A 1 9.70 7.09 17.17
CA GLU A 1 8.45 7.05 16.42
C GLU A 1 8.34 5.77 15.58
N ASN A 2 7.11 5.43 15.20
CA ASN A 2 6.85 4.29 14.32
C ASN A 2 7.03 4.76 12.89
N ASN A 3 8.16 4.40 12.28
CA ASN A 3 8.46 4.87 10.93
C ASN A 3 7.50 4.29 9.91
N CYS A 4 7.07 3.04 10.09
CA CYS A 4 6.11 2.45 9.16
C CYS A 4 4.75 3.12 9.28
N LEU A 5 4.35 3.49 10.49
CA LEU A 5 3.09 4.21 10.67
C LEU A 5 3.18 5.61 10.07
N ASN A 6 4.31 6.29 10.26
CA ASN A 6 4.49 7.61 9.66
C ASN A 6 4.45 7.53 8.14
N ALA A 7 5.01 6.47 7.56
CA ALA A 7 4.97 6.30 6.12
C ALA A 7 3.54 6.05 5.62
N ALA A 8 2.75 5.32 6.42
CA ALA A 8 1.36 5.08 6.03
C ALA A 8 0.54 6.36 6.11
N LYS A 9 0.81 7.19 7.11
CA LYS A 9 0.13 8.48 7.22
C LYS A 9 0.48 9.38 6.04
N ALA A 10 1.78 9.49 5.73
CA ALA A 10 2.21 10.31 4.61
C ALA A 10 1.60 9.84 3.30
N CYS A 11 1.39 8.53 3.15
CA CYS A 11 0.80 8.00 1.93
C CYS A 11 -0.67 8.40 1.81
N ASN A 12 -1.45 8.22 2.89
CA ASN A 12 -2.85 8.57 2.85
C ASN A 12 -3.09 10.06 2.71
N LEU A 13 -2.09 10.88 3.05
CA LEU A 13 -2.18 12.32 2.86
C LEU A 13 -1.70 12.76 1.47
N ASN A 14 -1.25 11.82 0.64
CA ASN A 14 -0.87 12.10 -0.73
C ASN A 14 -1.89 11.46 -1.67
N ASP A 15 -2.45 12.27 -2.56
CA ASP A 15 -3.54 11.79 -3.41
C ASP A 15 -3.12 10.61 -4.27
N THR A 16 -1.90 10.64 -4.80
CA THR A 16 -1.44 9.55 -5.66
C THR A 16 -1.22 8.27 -4.87
N CYS A 17 -0.50 8.36 -3.75
CA CYS A 17 -0.21 7.16 -2.97
C CYS A 17 -1.47 6.61 -2.33
N LYS A 18 -2.35 7.48 -1.82
CA LYS A 18 -3.59 7.02 -1.21
C LYS A 18 -4.43 6.23 -2.21
N LYS A 19 -4.55 6.74 -3.44
CA LYS A 19 -5.38 6.09 -4.45
C LYS A 19 -4.87 4.70 -4.78
N TYR A 20 -3.58 4.58 -5.11
CA TYR A 20 -3.04 3.31 -5.56
C TYR A 20 -2.76 2.34 -4.42
N ARG A 21 -2.60 2.83 -3.19
CA ARG A 21 -2.53 1.93 -2.05
C ARG A 21 -3.86 1.23 -1.83
N SER A 22 -4.95 1.99 -1.83
CA SER A 22 -6.28 1.39 -1.75
C SER A 22 -6.59 0.55 -2.97
N ALA A 23 -6.00 0.89 -4.13
CA ALA A 23 -6.26 0.16 -5.35
C ALA A 23 -5.71 -1.26 -5.32
N TYR A 24 -4.75 -1.54 -4.44
CA TYR A 24 -4.28 -2.91 -4.28
C TYR A 24 -4.78 -3.57 -3.00
N ILE A 25 -5.08 -2.79 -1.95
CA ILE A 25 -5.61 -3.39 -0.73
C ILE A 25 -7.00 -3.97 -0.99
N SER A 26 -7.80 -3.37 -1.88
CA SER A 26 -9.13 -3.89 -2.15
C SER A 26 -9.08 -5.26 -2.82
N PRO A 27 -8.40 -5.44 -3.96
CA PRO A 27 -8.34 -6.80 -4.54
C PRO A 27 -7.56 -7.79 -3.70
N CYS A 28 -6.58 -7.34 -2.91
CA CYS A 28 -5.84 -8.27 -2.07
C CYS A 28 -6.59 -8.65 -0.80
N THR A 29 -7.78 -8.07 -0.55
CA THR A 29 -8.58 -8.44 0.62
C THR A 29 -10.02 -8.78 0.28
N SER A 30 -10.37 -8.90 -1.01
CA SER A 30 -11.74 -9.14 -1.43
C SER A 30 -11.88 -10.59 -1.87
N ARG A 31 -12.67 -11.36 -1.11
CA ARG A 31 -12.96 -12.73 -1.48
C ARG A 31 -13.91 -12.76 -2.68
N VAL A 32 -13.61 -13.62 -3.65
CA VAL A 32 -14.43 -13.76 -4.85
C VAL A 32 -14.91 -15.18 -5.06
N SER A 33 -14.50 -16.13 -4.21
CA SER A 33 -14.99 -17.49 -4.28
C SER A 33 -14.87 -18.11 -2.89
N THR A 34 -15.59 -19.20 -2.68
CA THR A 34 -15.56 -19.85 -1.37
C THR A 34 -14.29 -20.61 -1.09
N ALA A 35 -13.37 -20.70 -2.07
CA ALA A 35 -12.17 -21.49 -1.91
C ALA A 35 -10.91 -20.67 -1.73
N GLU A 36 -10.95 -19.37 -2.05
CA GLU A 36 -9.75 -18.54 -2.04
C GLU A 36 -10.09 -17.22 -1.39
N VAL A 37 -9.17 -16.75 -0.52
CA VAL A 37 -9.42 -15.49 0.19
C VAL A 37 -9.37 -14.30 -0.74
N CYS A 38 -8.84 -14.46 -1.95
CA CYS A 38 -8.63 -13.33 -2.84
C CYS A 38 -8.45 -13.84 -4.25
N ASN A 39 -8.53 -12.90 -5.21
CA ASN A 39 -8.06 -13.13 -6.57
C ASN A 39 -6.59 -12.77 -6.57
N LYS A 40 -5.73 -13.79 -6.47
CA LYS A 40 -4.29 -13.54 -6.36
C LYS A 40 -3.74 -12.85 -7.59
N ARG A 41 -4.28 -13.14 -8.77
CA ARG A 41 -3.86 -12.47 -9.99
C ARG A 41 -4.05 -10.97 -9.87
N LYS A 42 -5.27 -10.54 -9.57
CA LYS A 42 -5.56 -9.11 -9.47
C LYS A 42 -4.81 -8.48 -8.30
N CYS A 43 -4.53 -9.24 -7.24
CA CYS A 43 -3.75 -8.68 -6.14
C CYS A 43 -2.32 -8.37 -6.59
N HIS A 44 -1.68 -9.31 -7.29
CA HIS A 44 -0.32 -9.08 -7.80
C HIS A 44 -0.32 -7.96 -8.83
N LYS A 45 -1.33 -7.93 -9.70
CA LYS A 45 -1.39 -6.89 -10.73
C LYS A 45 -1.48 -5.50 -10.12
N ALA A 46 -2.34 -5.34 -9.12
CA ALA A 46 -2.49 -4.04 -8.48
C ALA A 46 -1.27 -3.69 -7.63
N LEU A 47 -0.59 -4.69 -7.08
CA LEU A 47 0.67 -4.44 -6.38
C LEU A 47 1.72 -3.92 -7.34
N ARG A 48 1.84 -4.52 -8.51
CA ARG A 48 2.77 -4.03 -9.52
C ARG A 48 2.44 -2.60 -9.92
N GLN A 49 1.14 -2.30 -10.04
CA GLN A 49 0.72 -0.95 -10.39
C GLN A 49 1.13 0.06 -9.31
N PHE A 50 1.06 -0.34 -8.04
CA PHE A 50 1.39 0.58 -6.95
C PHE A 50 2.85 1.02 -7.03
N PHE A 51 3.76 0.08 -7.22
CA PHE A 51 5.17 0.41 -7.26
C PHE A 51 5.59 1.04 -8.59
N ASP A 52 4.78 0.88 -9.65
N ASP A 52 4.78 0.89 -9.64
CA ASP A 52 5.08 1.51 -10.92
CA ASP A 52 5.10 1.51 -10.92
C ASP A 52 4.60 2.95 -10.97
C ASP A 52 4.60 2.96 -10.98
N LYS A 53 3.48 3.27 -10.31
CA LYS A 53 2.87 4.59 -10.42
C LYS A 53 3.11 5.48 -9.21
N VAL A 54 3.45 4.93 -8.05
CA VAL A 54 3.67 5.75 -6.86
C VAL A 54 5.15 6.11 -6.77
N PRO A 55 5.48 7.38 -6.53
CA PRO A 55 6.89 7.75 -6.44
C PRO A 55 7.58 7.00 -5.31
N PRO A 56 8.87 6.72 -5.46
CA PRO A 56 9.56 5.88 -4.45
C PRO A 56 9.54 6.45 -3.05
N LYS A 57 9.55 7.78 -2.88
CA LYS A 57 9.59 8.35 -1.54
C LYS A 57 8.40 7.90 -0.70
N HIS A 58 7.27 7.60 -1.35
CA HIS A 58 6.11 7.05 -0.65
C HIS A 58 6.08 5.53 -0.70
N SER A 59 6.36 4.93 -1.87
CA SER A 59 6.26 3.48 -1.99
C SER A 59 7.42 2.79 -1.28
N TYR A 60 8.64 3.32 -1.40
CA TYR A 60 9.74 2.76 -0.63
C TYR A 60 9.62 3.12 0.84
N GLY A 61 9.04 4.29 1.15
CA GLY A 61 8.88 4.69 2.53
C GLY A 61 8.08 3.69 3.36
N MET A 62 7.12 3.02 2.73
CA MET A 62 6.35 1.98 3.42
C MET A 62 7.02 0.61 3.31
N LEU A 63 7.57 0.28 2.13
CA LEU A 63 8.15 -1.05 1.96
C LEU A 63 9.47 -1.20 2.71
N TYR A 64 10.25 -0.13 2.80
CA TYR A 64 11.57 -0.18 3.42
C TYR A 64 11.64 0.62 4.72
N CYS A 65 10.50 0.78 5.40
CA CYS A 65 10.50 1.49 6.67
C CYS A 65 11.33 0.73 7.69
N SER A 66 11.99 1.48 8.57
CA SER A 66 12.89 0.90 9.56
C SER A 66 12.16 0.69 10.87
N CYS A 67 12.42 -0.44 11.51
CA CYS A 67 11.87 -0.71 12.82
C CYS A 67 12.99 -1.22 13.72
N PRO A 68 12.86 -1.02 15.03
CA PRO A 68 13.86 -1.53 15.97
C PRO A 68 13.81 -3.04 16.11
N LEU A 69 12.61 -3.58 16.26
CA LEU A 69 12.40 -5.02 16.35
C LEU A 69 11.87 -5.54 15.01
N GLY A 70 12.44 -6.64 14.54
CA GLY A 70 12.03 -7.25 13.29
C GLY A 70 10.87 -8.21 13.39
N ASP A 71 10.40 -8.50 14.60
CA ASP A 71 9.27 -9.39 14.81
C ASP A 71 8.53 -8.94 16.06
N GLN A 72 7.22 -9.24 16.09
CA GLN A 72 6.34 -8.97 17.22
C GLN A 72 6.08 -7.49 17.44
N SER A 73 6.85 -6.58 16.85
CA SER A 73 6.53 -5.16 17.07
C SER A 73 5.42 -4.70 16.15
N ALA A 74 4.82 -3.60 16.52
CA ALA A 74 3.75 -2.97 15.75
C ALA A 74 4.29 -2.41 14.45
N CYS A 75 5.44 -1.73 14.51
CA CYS A 75 6.23 -1.39 13.33
C CYS A 75 6.43 -2.58 12.40
N SER A 76 7.06 -3.66 12.88
CA SER A 76 7.50 -4.72 11.99
C SER A 76 6.33 -5.51 11.42
N GLU A 77 5.26 -5.66 12.20
CA GLU A 77 4.08 -6.35 11.68
C GLU A 77 3.37 -5.50 10.63
N ARG A 78 3.35 -4.18 10.83
CA ARG A 78 2.80 -3.30 9.79
C ARG A 78 3.63 -3.38 8.52
N ARG A 79 4.96 -3.39 8.66
CA ARG A 79 5.83 -3.52 7.49
C ARG A 79 5.60 -4.84 6.78
N ARG A 80 5.44 -5.94 7.55
CA ARG A 80 5.19 -7.24 6.96
C ARG A 80 3.87 -7.28 6.21
N GLN A 81 2.90 -6.45 6.64
CA GLN A 81 1.57 -6.41 6.04
C GLN A 81 1.50 -5.50 4.82
N THR A 82 2.63 -4.94 4.37
CA THR A 82 2.58 -3.95 3.30
C THR A 82 2.05 -4.56 1.99
N ILE A 83 2.47 -5.78 1.67
CA ILE A 83 2.07 -6.43 0.43
C ILE A 83 0.82 -7.27 0.61
N VAL A 84 0.15 -7.18 1.76
CA VAL A 84 -0.99 -8.02 2.11
C VAL A 84 -0.59 -9.48 1.90
N PRO A 85 0.33 -10.02 2.72
CA PRO A 85 0.88 -11.36 2.43
C PRO A 85 -0.14 -12.48 2.54
N ALA A 86 -1.21 -12.31 3.31
CA ALA A 86 -2.23 -13.35 3.41
C ALA A 86 -2.81 -13.72 2.05
N CYS A 87 -2.73 -12.82 1.08
CA CYS A 87 -3.14 -13.08 -0.29
C CYS A 87 -1.99 -13.13 -1.27
N SER A 88 -1.04 -12.19 -1.16
CA SER A 88 0.03 -12.07 -2.15
C SER A 88 1.18 -13.05 -1.93
N TYR A 89 1.27 -13.67 -0.75
CA TYR A 89 2.50 -14.33 -0.36
C TYR A 89 2.25 -15.71 0.23
N GLU A 90 1.56 -15.77 1.38
CA GLU A 90 1.29 -17.04 2.03
C GLU A 90 0.41 -17.91 1.14
N ASP A 91 0.72 -19.21 1.10
CA ASP A 91 0.03 -20.13 0.22
C ASP A 91 -0.11 -21.48 0.90
N LYS A 92 -1.10 -22.25 0.45
CA LYS A 92 -1.28 -23.61 0.95
C LYS A 92 -0.03 -24.44 0.72
N GLU A 93 0.43 -24.51 -0.53
CA GLU A 93 1.61 -25.28 -0.90
C GLU A 93 2.83 -24.37 -0.94
N ARG A 94 3.95 -24.87 -0.41
CA ARG A 94 5.20 -24.13 -0.39
C ARG A 94 6.17 -24.81 -1.35
N PRO A 95 6.38 -24.27 -2.54
CA PRO A 95 7.20 -24.96 -3.54
C PRO A 95 8.68 -24.93 -3.17
N ASN A 96 9.43 -25.82 -3.80
CA ASN A 96 10.88 -25.75 -3.74
C ASN A 96 11.36 -24.55 -4.54
N CYS A 97 12.35 -23.83 -4.00
CA CYS A 97 12.76 -22.57 -4.59
C CYS A 97 13.27 -22.75 -6.01
N LEU A 98 14.00 -23.84 -6.27
CA LEU A 98 14.48 -24.10 -7.63
C LEU A 98 13.34 -24.40 -8.58
N THR A 99 12.32 -25.11 -8.09
CA THR A 99 11.13 -25.34 -8.92
C THR A 99 10.41 -24.03 -9.20
N LEU A 100 10.32 -23.15 -8.21
CA LEU A 100 9.75 -21.83 -8.41
C LEU A 100 10.56 -21.01 -9.40
N GLN A 101 11.89 -21.20 -9.41
CA GLN A 101 12.73 -20.45 -10.33
C GLN A 101 12.52 -20.88 -11.77
N VAL A 102 12.34 -22.18 -12.00
CA VAL A 102 12.02 -22.65 -13.35
C VAL A 102 10.71 -22.03 -13.82
N SER A 103 9.70 -22.01 -12.94
CA SER A 103 8.43 -21.42 -13.29
C SER A 103 8.55 -19.93 -13.60
N CYS A 104 9.34 -19.21 -12.79
CA CYS A 104 9.53 -17.78 -13.02
C CYS A 104 10.20 -17.52 -14.36
N LYS A 105 11.19 -18.34 -14.71
CA LYS A 105 11.95 -18.12 -15.93
C LYS A 105 11.16 -18.45 -17.19
N THR A 106 9.99 -19.06 -17.07
CA THR A 106 9.10 -19.24 -18.22
C THR A 106 8.19 -18.03 -18.44
N ASN A 107 8.19 -17.07 -17.53
CA ASN A 107 7.48 -15.81 -17.69
C ASN A 107 8.47 -14.74 -18.11
N TYR A 108 8.15 -14.04 -19.20
CA TYR A 108 9.10 -13.06 -19.73
C TYR A 108 9.40 -11.96 -18.71
N ILE A 109 8.36 -11.47 -18.03
CA ILE A 109 8.56 -10.39 -17.07
C ILE A 109 9.23 -10.93 -15.79
N CYS A 110 8.75 -12.06 -15.28
CA CYS A 110 9.36 -12.64 -14.09
C CYS A 110 10.84 -12.93 -14.32
N ARG A 111 11.17 -13.51 -15.47
CA ARG A 111 12.56 -13.76 -15.81
C ARG A 111 13.36 -12.47 -15.86
N SER A 112 12.78 -11.42 -16.46
CA SER A 112 13.47 -10.14 -16.57
C SER A 112 13.69 -9.51 -15.21
N ARG A 113 12.66 -9.54 -14.35
CA ARG A 113 12.78 -8.91 -13.04
C ARG A 113 13.73 -9.69 -12.13
N LEU A 114 13.73 -11.02 -12.22
CA LEU A 114 14.63 -11.82 -11.40
C LEU A 114 16.08 -11.60 -11.81
N ALA A 115 16.35 -11.49 -13.11
CA ALA A 115 17.71 -11.22 -13.56
C ALA A 115 18.20 -9.86 -13.09
N ASP A 116 17.31 -8.86 -13.08
CA ASP A 116 17.69 -7.54 -12.59
C ASP A 116 18.00 -7.58 -11.10
N PHE A 117 17.26 -8.38 -10.33
CA PHE A 117 17.51 -8.48 -8.89
C PHE A 117 18.86 -9.12 -8.63
N PHE A 118 19.17 -10.22 -9.32
CA PHE A 118 20.45 -10.88 -9.10
C PHE A 118 21.62 -10.05 -9.60
N THR A 119 21.39 -9.20 -10.60
CA THR A 119 22.45 -8.34 -11.10
C THR A 119 22.69 -7.15 -10.17
N ASN A 120 21.63 -6.44 -9.79
CA ASN A 120 21.78 -5.16 -9.12
C ASN A 120 22.07 -5.30 -7.63
N CYS A 121 21.65 -6.40 -7.01
CA CYS A 121 21.88 -6.65 -5.59
C CYS A 121 23.01 -7.64 -5.35
N GLN A 122 23.88 -7.83 -6.33
CA GLN A 122 24.98 -8.79 -6.16
CA GLN A 122 24.98 -8.79 -6.16
C GLN A 122 25.94 -8.30 -5.08
N PRO A 123 26.26 -9.12 -4.09
CA PRO A 123 27.18 -8.68 -3.04
C PRO A 123 28.61 -8.60 -3.53
N GLU A 124 29.38 -7.72 -2.88
CA GLU A 124 30.83 -7.65 -3.07
C GLU A 124 31.42 -7.20 -1.74
N PRO A 125 31.93 -8.14 -0.94
CA PRO A 125 32.41 -7.78 0.40
C PRO A 125 33.65 -6.89 0.40
N LEU A 126 34.34 -6.76 -0.73
CA LEU A 126 35.46 -5.84 -0.79
C LEU A 126 34.99 -4.38 -0.85
N SER A 127 33.79 -4.14 -1.36
CA SER A 127 33.26 -2.80 -1.49
C SER A 127 32.83 -2.26 -0.14
N LEU A 128 33.10 -0.96 0.09
CA LEU A 128 32.62 -0.32 1.31
C LEU A 128 31.10 -0.29 1.39
N SER A 129 30.42 -0.37 0.25
CA SER A 129 28.96 -0.46 0.23
C SER A 129 28.46 -1.87 0.47
N GLY A 130 29.30 -2.89 0.26
CA GLY A 130 28.86 -4.26 0.29
C GLY A 130 28.25 -4.76 -1.00
N CYS A 131 28.08 -3.89 -1.99
CA CYS A 131 27.50 -4.27 -3.27
C CYS A 131 28.57 -4.21 -4.36
N LEU A 132 28.40 -5.07 -5.37
CA LEU A 132 29.24 -4.97 -6.56
C LEU A 132 28.95 -3.67 -7.32
N LYS A 133 27.68 -3.36 -7.48
CA LYS A 133 27.23 -2.10 -8.09
C LYS A 133 26.85 -1.16 -6.96
N GLU A 134 27.72 -0.20 -6.67
CA GLU A 134 27.59 0.68 -5.50
C GLU A 134 26.49 1.71 -5.76
N ASN A 135 25.26 1.20 -5.88
CA ASN A 135 24.08 2.00 -6.19
C ASN A 135 22.90 1.31 -5.49
N TYR A 136 22.69 1.68 -4.22
CA TYR A 136 21.62 1.06 -3.44
C TYR A 136 20.26 1.23 -4.08
N ALA A 137 20.04 2.36 -4.79
CA ALA A 137 18.73 2.63 -5.37
C ALA A 137 18.37 1.58 -6.43
N ASP A 138 19.35 1.15 -7.22
CA ASP A 138 19.07 0.14 -8.25
C ASP A 138 18.72 -1.21 -7.64
N CYS A 139 19.38 -1.55 -6.53
CA CYS A 139 19.06 -2.79 -5.81
C CYS A 139 17.64 -2.73 -5.24
N LEU A 140 17.31 -1.62 -4.58
CA LEU A 140 15.96 -1.45 -4.05
C LEU A 140 14.92 -1.47 -5.14
N LEU A 141 15.24 -0.93 -6.32
CA LEU A 141 14.32 -0.95 -7.45
C LEU A 141 14.12 -2.37 -7.95
N SER A 142 15.22 -3.11 -8.13
CA SER A 142 15.12 -4.48 -8.63
C SER A 142 14.40 -5.39 -7.66
N TYR A 143 14.63 -5.20 -6.35
CA TYR A 143 13.96 -6.03 -5.35
C TYR A 143 12.46 -5.77 -5.33
N SER A 144 12.08 -4.50 -5.21
CA SER A 144 10.65 -4.15 -5.24
C SER A 144 9.99 -4.55 -6.55
N GLY A 145 10.76 -4.69 -7.63
CA GLY A 145 10.22 -5.15 -8.89
C GLY A 145 9.74 -6.60 -8.85
N LEU A 146 10.20 -7.39 -7.89
CA LEU A 146 9.76 -8.77 -7.76
C LEU A 146 8.37 -8.88 -7.16
N ILE A 147 7.89 -7.84 -6.48
CA ILE A 147 6.56 -7.88 -5.86
C ILE A 147 5.51 -7.88 -6.97
N GLY A 148 4.63 -8.88 -6.94
CA GLY A 148 3.65 -9.06 -7.99
C GLY A 148 3.97 -10.17 -8.97
N THR A 149 5.13 -10.80 -8.84
CA THR A 149 5.48 -11.98 -9.61
C THR A 149 5.35 -13.21 -8.71
N VAL A 150 5.59 -14.38 -9.29
CA VAL A 150 5.65 -15.60 -8.49
C VAL A 150 6.81 -15.59 -7.51
N MET A 151 7.76 -14.68 -7.69
CA MET A 151 8.91 -14.52 -6.79
C MET A 151 8.68 -13.45 -5.74
N THR A 152 7.42 -13.10 -5.45
CA THR A 152 7.10 -12.05 -4.50
C THR A 152 7.78 -12.30 -3.15
N PRO A 153 8.68 -11.42 -2.72
CA PRO A 153 9.35 -11.62 -1.44
C PRO A 153 8.66 -10.86 -0.32
N ASN A 154 8.95 -11.28 0.90
CA ASN A 154 8.43 -10.59 2.08
C ASN A 154 9.38 -10.78 3.24
N TYR A 155 9.25 -9.89 4.23
CA TYR A 155 10.08 -9.95 5.42
C TYR A 155 9.75 -11.19 6.24
N LEU A 156 10.79 -11.92 6.65
CA LEU A 156 10.60 -13.05 7.52
C LEU A 156 10.55 -12.60 8.98
N ARG A 157 10.00 -13.46 9.83
CA ARG A 157 9.95 -13.20 11.27
C ARG A 157 11.32 -13.53 11.85
N SER A 158 12.17 -12.51 11.92
N SER A 158 12.17 -12.51 11.92
CA SER A 158 13.55 -12.67 12.39
CA SER A 158 13.55 -12.66 12.38
C SER A 158 13.95 -11.40 13.13
C SER A 158 13.96 -11.40 13.12
N PRO A 159 14.90 -11.50 14.05
CA PRO A 159 15.39 -10.28 14.72
C PRO A 159 16.10 -9.33 13.77
N LYS A 160 16.64 -9.84 12.66
CA LYS A 160 17.30 -9.02 11.66
C LYS A 160 16.37 -8.78 10.48
N ILE A 161 16.83 -7.98 9.54
CA ILE A 161 16.15 -7.82 8.25
C ILE A 161 16.50 -9.04 7.40
N SER A 162 15.49 -9.86 7.10
CA SER A 162 15.70 -11.02 6.24
C SER A 162 14.43 -11.25 5.43
N VAL A 163 14.59 -11.37 4.11
CA VAL A 163 13.46 -11.50 3.20
C VAL A 163 13.63 -12.79 2.39
N SER A 164 12.53 -13.21 1.76
CA SER A 164 12.52 -14.43 0.96
C SER A 164 11.22 -14.55 0.19
N PRO A 165 11.25 -15.12 -1.02
CA PRO A 165 10.00 -15.54 -1.66
C PRO A 165 9.40 -16.74 -0.93
N PHE A 166 8.13 -17.00 -1.21
CA PHE A 166 7.43 -18.09 -0.54
C PHE A 166 7.89 -19.42 -1.13
N CYS A 167 9.01 -19.91 -0.60
CA CYS A 167 9.58 -21.18 -1.03
C CYS A 167 10.59 -21.63 0.02
N ASP A 168 11.06 -22.87 -0.11
CA ASP A 168 12.13 -23.38 0.74
C ASP A 168 12.92 -24.42 -0.03
N CYS A 169 13.88 -25.04 0.65
CA CYS A 169 14.78 -26.01 0.02
C CYS A 169 14.48 -27.44 0.45
N SER A 170 13.27 -27.70 0.95
N SER A 170 13.28 -27.70 0.95
CA SER A 170 12.88 -29.07 1.26
CA SER A 170 12.87 -29.06 1.25
C SER A 170 12.65 -29.84 -0.04
C SER A 170 12.67 -29.83 -0.05
N SER A 171 13.13 -31.08 -0.06
CA SER A 171 13.00 -31.98 -1.23
C SER A 171 13.67 -31.40 -2.47
N SER A 172 14.94 -30.99 -2.31
CA SER A 172 15.73 -30.52 -3.44
C SER A 172 16.59 -31.62 -4.05
N GLY A 173 16.80 -32.72 -3.34
CA GLY A 173 17.53 -33.84 -3.92
C GLY A 173 19.00 -33.54 -4.06
N ASN A 174 19.55 -33.81 -5.24
CA ASN A 174 20.96 -33.60 -5.53
C ASN A 174 21.29 -32.13 -5.78
N SER A 175 20.31 -31.23 -5.66
CA SER A 175 20.51 -29.80 -5.90
C SER A 175 20.33 -28.98 -4.63
N LYS A 176 20.71 -29.54 -3.48
CA LYS A 176 20.54 -28.84 -2.22
C LYS A 176 21.45 -27.63 -2.13
N GLU A 177 22.70 -27.77 -2.58
CA GLU A 177 23.63 -26.64 -2.56
C GLU A 177 23.14 -25.51 -3.44
N GLU A 178 22.65 -25.84 -4.64
CA GLU A 178 22.17 -24.82 -5.56
C GLU A 178 20.95 -24.10 -4.99
N CYS A 179 20.03 -24.84 -4.36
CA CYS A 179 18.87 -24.20 -3.72
C CYS A 179 19.30 -23.29 -2.58
N ASP A 180 20.22 -23.75 -1.74
CA ASP A 180 20.65 -22.96 -0.61
C ASP A 180 21.31 -21.66 -1.07
N ARG A 181 22.05 -21.72 -2.17
CA ARG A 181 22.63 -20.51 -2.75
C ARG A 181 21.54 -19.55 -3.21
N PHE A 182 20.45 -20.09 -3.78
CA PHE A 182 19.38 -19.24 -4.28
C PHE A 182 18.71 -18.49 -3.13
N THR A 183 18.30 -19.20 -2.08
CA THR A 183 17.62 -18.57 -0.97
C THR A 183 18.55 -17.60 -0.23
N GLU A 184 19.82 -17.96 -0.10
CA GLU A 184 20.76 -17.09 0.62
C GLU A 184 20.96 -15.77 -0.09
N PHE A 185 20.76 -15.72 -1.41
CA PHE A 185 20.79 -14.44 -2.11
C PHE A 185 19.67 -13.52 -1.65
N PHE A 186 18.59 -14.08 -1.11
CA PHE A 186 17.50 -13.31 -0.51
C PHE A 186 17.71 -13.12 0.99
N THR A 187 17.96 -14.22 1.71
CA THR A 187 17.90 -14.19 3.17
C THR A 187 19.19 -13.68 3.82
N ASP A 188 20.33 -13.88 3.16
CA ASP A 188 21.63 -13.48 3.72
C ASP A 188 22.42 -12.75 2.63
N ASN A 189 21.97 -11.54 2.29
CA ASN A 189 22.58 -10.73 1.26
C ASN A 189 22.97 -9.39 1.87
N ALA A 190 24.26 -9.19 2.10
CA ALA A 190 24.73 -7.96 2.73
C ALA A 190 24.48 -6.74 1.85
N CYS A 191 24.49 -6.92 0.52
CA CYS A 191 24.18 -5.81 -0.38
C CYS A 191 22.72 -5.38 -0.23
N LEU A 192 21.80 -6.35 -0.27
CA LEU A 192 20.39 -6.03 -0.09
C LEU A 192 20.12 -5.50 1.32
N ARG A 193 20.75 -6.12 2.32
CA ARG A 193 20.58 -5.66 3.70
C ARG A 193 21.05 -4.22 3.86
N ASN A 194 22.21 -3.90 3.29
CA ASN A 194 22.73 -2.53 3.39
C ASN A 194 21.84 -1.55 2.66
N ALA A 195 21.32 -1.94 1.50
CA ALA A 195 20.46 -1.06 0.72
C ALA A 195 19.17 -0.74 1.47
N ILE A 196 18.54 -1.76 2.05
CA ILE A 196 17.32 -1.56 2.81
C ILE A 196 17.59 -0.70 4.04
N GLN A 197 18.69 -1.00 4.76
CA GLN A 197 19.04 -0.23 5.94
C GLN A 197 19.35 1.21 5.59
N ALA A 198 20.06 1.42 4.47
CA ALA A 198 20.43 2.79 4.09
C ALA A 198 19.21 3.64 3.79
N PHE A 199 18.18 3.05 3.19
CA PHE A 199 16.96 3.82 2.94
C PHE A 199 16.24 4.16 4.23
N GLY A 200 16.10 3.17 5.12
CA GLY A 200 15.42 3.42 6.38
C GLY A 200 16.06 4.52 7.21
N ASN A 201 17.38 4.66 7.08
CA ASN A 201 18.11 5.67 7.82
C ASN A 201 17.58 7.07 7.50
N GLY A 202 17.23 7.28 6.23
CA GLY A 202 16.71 8.56 5.79
C GLY A 202 17.78 9.63 5.81
N THR A 203 19.02 9.23 5.55
CA THR A 203 20.14 10.17 5.52
C THR A 203 20.87 10.11 4.19
N GLY A 204 21.66 11.14 3.91
CA GLY A 204 22.41 11.22 2.67
C GLY A 204 23.63 10.30 2.66
N SER A 205 23.41 9.04 2.29
CA SER A 205 24.49 8.06 2.22
C SER A 205 25.29 8.26 0.94
N GLU A 206 26.49 7.69 0.89
CA GLU A 206 27.33 7.82 -0.29
C GLU A 206 26.87 6.92 -1.44
N PHE A 207 26.03 5.93 -1.15
CA PHE A 207 25.59 5.02 -2.19
C PHE A 207 24.08 5.09 -2.44
N LEU A 208 23.40 6.11 -1.93
CA LEU A 208 21.96 6.22 -2.08
C LEU A 208 21.58 7.69 -2.22
N GLU A 209 20.54 7.94 -3.03
CA GLU A 209 19.97 9.27 -3.21
C GLU A 209 20.97 10.26 -3.78
N GLN B 1 -26.21 29.34 -10.24
CA GLN B 1 -24.78 29.53 -10.41
C GLN B 1 -24.08 28.62 -9.44
N GLY B 2 -24.51 28.67 -8.18
CA GLY B 2 -23.95 27.83 -7.13
C GLY B 2 -22.45 27.95 -6.97
N ARG B 3 -21.97 29.18 -6.80
CA ARG B 3 -20.55 29.42 -6.62
C ARG B 3 -20.16 29.40 -5.14
N GLY B 4 -21.16 29.50 -4.26
CA GLY B 4 -20.91 29.50 -2.83
C GLY B 4 -20.69 28.11 -2.26
N CYS B 5 -21.19 27.08 -2.94
CA CYS B 5 -21.04 25.72 -2.47
C CYS B 5 -19.64 25.28 -2.90
N LEU B 6 -18.73 25.18 -1.95
CA LEU B 6 -17.32 24.92 -2.23
C LEU B 6 -16.88 23.60 -1.60
N LEU B 7 -15.70 23.15 -2.03
CA LEU B 7 -15.08 21.95 -1.50
C LEU B 7 -14.06 22.34 -0.43
N LYS B 8 -14.28 21.92 0.80
CA LYS B 8 -13.37 22.15 1.91
C LYS B 8 -12.76 20.82 2.35
N GLU B 9 -11.72 20.90 3.16
CA GLU B 9 -11.01 19.71 3.61
C GLU B 9 -10.48 19.93 5.01
N ILE B 10 -10.27 18.82 5.72
CA ILE B 10 -9.74 18.85 7.08
C ILE B 10 -8.91 17.59 7.30
N HIS B 11 -7.77 17.76 7.96
CA HIS B 11 -6.87 16.65 8.29
C HIS B 11 -7.33 16.04 9.62
N LEU B 12 -7.62 14.74 9.60
CA LEU B 12 -8.16 14.07 10.78
C LEU B 12 -7.48 12.72 10.96
N ASN B 13 -7.51 12.24 12.20
CA ASN B 13 -7.25 10.84 12.47
C ASN B 13 -8.44 10.01 12.03
N VAL B 14 -8.18 8.74 11.70
CA VAL B 14 -9.28 7.85 11.34
C VAL B 14 -10.24 7.68 12.51
N THR B 15 -9.71 7.70 13.74
CA THR B 15 -10.56 7.58 14.92
C THR B 15 -11.53 8.74 15.06
N ASP B 16 -11.16 9.92 14.53
CA ASP B 16 -12.05 11.07 14.59
C ASP B 16 -13.36 10.82 13.85
N LEU B 17 -13.40 9.84 12.95
CA LEU B 17 -14.63 9.54 12.23
C LEU B 17 -15.65 8.82 13.09
N ASP B 18 -15.22 8.24 14.21
CA ASP B 18 -16.12 7.55 15.15
C ASP B 18 -16.88 6.42 14.47
N LEU B 19 -16.20 5.71 13.57
CA LEU B 19 -16.80 4.59 12.87
C LEU B 19 -16.44 3.24 13.48
N GLY B 20 -15.74 3.23 14.62
CA GLY B 20 -15.45 2.01 15.34
C GLY B 20 -14.06 1.45 15.13
N TYR B 21 -13.32 1.95 14.14
CA TYR B 21 -11.99 1.43 13.88
C TYR B 21 -11.02 1.86 14.96
N ARG B 22 -10.09 0.96 15.28
CA ARG B 22 -9.01 1.24 16.24
C ARG B 22 -7.70 1.23 15.46
N THR B 23 -7.26 2.43 15.08
CA THR B 23 -6.06 2.57 14.25
C THR B 23 -5.49 3.97 14.48
N LYS B 24 -4.20 4.11 14.18
CA LYS B 24 -3.52 5.39 14.27
C LYS B 24 -3.32 6.04 12.91
N GLU B 25 -3.94 5.52 11.87
CA GLU B 25 -3.82 6.09 10.54
C GLU B 25 -4.64 7.37 10.43
N GLU B 26 -4.32 8.18 9.41
CA GLU B 26 -4.93 9.48 9.22
C GLU B 26 -5.50 9.57 7.82
N LEU B 27 -6.17 10.69 7.54
CA LEU B 27 -6.80 10.90 6.25
C LEU B 27 -7.11 12.38 6.07
N ILE B 28 -7.38 12.75 4.81
CA ILE B 28 -7.89 14.07 4.47
C ILE B 28 -9.36 13.89 4.10
N PHE B 29 -10.25 14.40 4.94
CA PHE B 29 -11.68 14.34 4.68
C PHE B 29 -12.11 15.62 3.97
N ARG B 30 -12.78 15.46 2.83
CA ARG B 30 -13.24 16.58 2.03
C ARG B 30 -14.76 16.58 1.95
N TYR B 31 -15.35 17.76 2.12
CA TYR B 31 -16.80 17.89 2.20
C TYR B 31 -17.24 19.14 1.45
N CYS B 32 -18.53 19.19 1.11
CA CYS B 32 -19.11 20.31 0.41
C CYS B 32 -19.87 21.19 1.40
N SER B 33 -19.60 22.49 1.35
CA SER B 33 -20.20 23.43 2.28
C SER B 33 -20.31 24.80 1.61
N GLY B 34 -21.38 25.52 1.93
CA GLY B 34 -21.61 26.84 1.39
C GLY B 34 -23.07 27.09 1.04
N PRO B 35 -23.42 28.35 0.82
CA PRO B 35 -24.81 28.67 0.47
C PRO B 35 -25.09 28.42 -1.01
N CYS B 36 -26.37 28.14 -1.29
CA CYS B 36 -26.86 27.89 -2.61
C CYS B 36 -28.10 28.75 -2.94
N HIS B 37 -28.20 29.93 -2.35
CA HIS B 37 -29.40 30.74 -2.52
C HIS B 37 -29.48 31.39 -3.90
N ASP B 38 -28.39 31.48 -4.64
CA ASP B 38 -28.44 32.02 -5.99
C ASP B 38 -28.81 30.98 -7.02
N ALA B 39 -28.89 29.73 -6.62
CA ALA B 39 -29.31 28.68 -7.52
C ALA B 39 -30.73 28.19 -7.17
N GLU B 40 -31.43 28.88 -6.29
CA GLU B 40 -32.76 28.44 -5.91
C GLU B 40 -33.78 28.83 -6.98
N THR B 41 -34.94 28.23 -6.89
CA THR B 41 -36.02 28.36 -7.86
C THR B 41 -37.24 28.97 -7.19
N ASN B 42 -38.31 29.17 -7.97
CA ASN B 42 -39.60 29.50 -7.38
C ASN B 42 -40.04 28.41 -6.40
N TYR B 43 -39.72 27.16 -6.70
CA TYR B 43 -40.03 26.05 -5.81
C TYR B 43 -39.40 26.26 -4.43
N ASP B 44 -38.13 26.64 -4.40
CA ASP B 44 -37.45 26.85 -3.12
C ASP B 44 -38.02 28.06 -2.39
N LYS B 45 -38.35 29.12 -3.12
CA LYS B 45 -38.97 30.29 -2.50
C LYS B 45 -40.33 29.94 -1.94
N ILE B 46 -41.12 29.20 -2.71
CA ILE B 46 -42.44 28.78 -2.25
C ILE B 46 -42.32 27.94 -0.97
N LEU B 47 -41.35 27.02 -0.95
CA LEU B 47 -41.08 26.25 0.26
C LEU B 47 -40.86 27.18 1.44
N ASN B 48 -39.89 28.09 1.32
CA ASN B 48 -39.57 29.02 2.40
C ASN B 48 -40.81 29.79 2.87
N ASN B 49 -41.66 30.21 1.94
CA ASN B 49 -42.86 30.95 2.32
C ASN B 49 -43.89 30.05 2.97
N LEU B 50 -43.98 28.78 2.55
CA LEU B 50 -44.97 27.89 3.13
C LEU B 50 -44.55 27.37 4.51
N THR B 51 -43.24 27.25 4.77
CA THR B 51 -42.80 26.96 6.13
C THR B 51 -43.23 28.08 7.07
N HIS B 52 -42.93 29.33 6.70
CA HIS B 52 -43.34 30.47 7.51
C HIS B 52 -44.86 30.60 7.57
N ASN B 53 -45.57 30.12 6.56
CA ASN B 53 -47.02 30.24 6.49
C ASN B 53 -47.75 29.17 7.27
N LYS B 54 -47.02 28.12 7.64
CA LYS B 54 -47.49 26.95 8.33
C LYS B 54 -48.46 26.22 7.43
N LYS B 55 -48.37 26.41 6.13
CA LYS B 55 -49.35 25.82 5.26
C LYS B 55 -49.01 24.41 4.87
N LEU B 56 -47.82 23.95 5.19
CA LEU B 56 -47.47 22.58 4.88
C LEU B 56 -47.55 21.64 6.10
N ASP B 57 -48.24 22.11 7.13
CA ASP B 57 -48.39 21.35 8.35
C ASP B 57 -46.97 20.97 8.91
N LYS B 58 -46.53 19.71 8.97
CA LYS B 58 -45.24 19.46 9.59
C LYS B 58 -44.22 18.95 8.60
N ASP B 59 -44.44 19.15 7.31
CA ASP B 59 -43.45 18.70 6.41
C ASP B 59 -42.49 19.86 6.36
N THR B 60 -41.19 19.58 6.40
CA THR B 60 -40.17 20.64 6.29
C THR B 60 -39.31 20.23 5.09
N PRO B 61 -39.87 20.44 3.82
CA PRO B 61 -39.11 19.95 2.67
C PRO B 61 -37.80 20.72 2.50
N SER B 62 -36.83 20.04 1.89
CA SER B 62 -35.48 20.59 1.77
C SER B 62 -35.40 21.54 0.59
N ARG B 63 -34.78 22.70 0.82
CA ARG B 63 -34.44 23.61 -0.26
C ARG B 63 -33.13 23.17 -0.90
N THR B 64 -32.60 23.96 -1.82
CA THR B 64 -31.39 23.59 -2.54
C THR B 64 -30.24 23.32 -1.56
N CYS B 65 -29.61 22.16 -1.72
CA CYS B 65 -28.55 21.71 -0.84
C CYS B 65 -27.19 21.82 -1.51
N CYS B 66 -26.17 22.11 -0.71
CA CYS B 66 -24.78 22.04 -1.16
C CYS B 66 -24.27 20.64 -0.89
N ARG B 67 -24.14 19.85 -1.95
CA ARG B 67 -23.94 18.42 -1.83
C ARG B 67 -22.84 17.95 -2.77
N PRO B 68 -22.20 16.82 -2.48
CA PRO B 68 -21.25 16.25 -3.45
C PRO B 68 -21.97 15.60 -4.62
N ILE B 69 -21.42 15.82 -5.82
CA ILE B 69 -21.87 15.11 -7.01
C ILE B 69 -20.85 14.09 -7.48
N ALA B 70 -19.65 14.09 -6.91
CA ALA B 70 -18.63 13.09 -7.20
C ALA B 70 -17.84 12.86 -5.92
N PHE B 71 -17.46 11.61 -5.68
CA PHE B 71 -16.76 11.24 -4.46
C PHE B 71 -15.29 10.94 -4.74
N ASP B 72 -14.47 11.15 -3.71
CA ASP B 72 -13.04 10.94 -3.82
C ASP B 72 -12.73 9.45 -3.96
N ASP B 73 -11.47 9.15 -4.25
CA ASP B 73 -11.02 7.76 -4.34
C ASP B 73 -11.19 7.06 -3.00
N ASP B 74 -11.31 5.74 -3.05
CA ASP B 74 -11.37 4.95 -1.83
C ASP B 74 -10.10 5.14 -1.02
N ILE B 75 -10.23 5.00 0.30
CA ILE B 75 -9.09 5.05 1.21
C ILE B 75 -9.01 3.75 1.97
N SER B 76 -7.79 3.30 2.24
CA SER B 76 -7.53 2.09 2.99
C SER B 76 -6.64 2.40 4.18
N PHE B 77 -6.67 1.52 5.18
CA PHE B 77 -5.82 1.66 6.36
C PHE B 77 -5.75 0.33 7.08
N LEU B 78 -4.71 0.19 7.89
CA LEU B 78 -4.46 -1.01 8.68
C LEU B 78 -4.70 -0.70 10.15
N ASP B 79 -5.50 -1.53 10.82
CA ASP B 79 -5.84 -1.26 12.21
C ASP B 79 -4.82 -1.92 13.14
N ASP B 80 -5.04 -1.74 14.45
CA ASP B 80 -4.10 -2.24 15.44
C ASP B 80 -4.04 -3.76 15.44
N SER B 81 -5.11 -4.43 15.04
CA SER B 81 -5.14 -5.89 14.95
C SER B 81 -4.62 -6.40 13.62
N LEU B 82 -3.96 -5.55 12.83
CA LEU B 82 -3.34 -5.92 11.56
C LEU B 82 -4.37 -6.37 10.52
N GLU B 83 -5.58 -5.81 10.57
CA GLU B 83 -6.60 -6.04 9.57
C GLU B 83 -6.77 -4.79 8.71
N TYR B 84 -6.85 -5.00 7.40
CA TYR B 84 -7.06 -3.88 6.48
C TYR B 84 -8.54 -3.57 6.35
N HIS B 85 -8.85 -2.29 6.19
CA HIS B 85 -10.21 -1.82 5.94
C HIS B 85 -10.18 -0.81 4.80
N THR B 86 -11.25 -0.80 4.02
CA THR B 86 -11.38 0.14 2.90
C THR B 86 -12.72 0.86 3.02
N LEU B 87 -12.69 2.18 2.92
CA LEU B 87 -13.89 3.01 2.96
C LEU B 87 -14.16 3.58 1.58
N LYS B 88 -15.41 3.47 1.13
CA LYS B 88 -15.83 3.95 -0.17
C LYS B 88 -16.86 5.06 0.00
N LYS B 89 -16.83 6.02 -0.93
CA LYS B 89 -17.74 7.17 -0.91
C LYS B 89 -17.71 7.86 0.47
N HIS B 90 -16.50 8.08 0.96
CA HIS B 90 -16.28 8.67 2.27
C HIS B 90 -15.95 10.15 2.21
N SER B 91 -15.50 10.65 1.06
CA SER B 91 -15.02 12.02 0.94
C SER B 91 -15.51 12.59 -0.38
N ALA B 92 -15.84 13.88 -0.38
CA ALA B 92 -16.33 14.54 -1.57
C ALA B 92 -15.17 14.92 -2.49
N LYS B 93 -15.43 14.86 -3.80
CA LYS B 93 -14.47 15.30 -4.81
C LYS B 93 -14.93 16.54 -5.56
N LYS B 94 -16.22 16.68 -5.84
CA LYS B 94 -16.73 17.87 -6.52
C LYS B 94 -18.14 18.20 -6.03
N CYS B 95 -18.41 19.50 -5.90
CA CYS B 95 -19.61 20.01 -5.25
C CYS B 95 -20.54 20.64 -6.28
N ALA B 96 -21.80 20.82 -5.87
CA ALA B 96 -22.86 21.46 -6.66
C ALA B 96 -24.09 21.71 -5.83
N CYS B 97 -24.89 22.67 -6.26
CA CYS B 97 -26.11 22.99 -5.61
C CYS B 97 -27.16 22.03 -6.22
N VAL B 98 -27.82 21.25 -5.40
CA VAL B 98 -28.77 20.23 -5.84
C VAL B 98 -30.12 20.39 -5.14
C1 NAG C . -4.60 12.68 16.05
C2 NAG C . -4.46 14.18 15.82
C3 NAG C . -3.35 14.82 16.61
C4 NAG C . -3.43 14.37 18.03
C5 NAG C . -3.46 12.83 18.09
C6 NAG C . -3.56 12.19 19.46
C7 NAG C . -5.13 14.97 13.74
C8 NAG C . -4.72 15.29 12.36
N2 NAG C . -4.20 14.46 14.47
O3 NAG C . -3.47 16.25 16.53
O4 NAG C . -2.32 15.02 18.61
O5 NAG C . -4.64 12.42 17.42
O6 NAG C . -4.73 12.64 20.15
O7 NAG C . -6.24 15.15 14.13
H2 NAG C . -5.40 14.66 16.10
H3 NAG C . -2.40 14.50 16.19
H4 NAG C . -4.36 14.76 18.48
H5 NAG C . -2.58 12.44 17.56
H61 NAG C . -2.67 12.40 20.04
H62 NAG C . -3.61 11.10 19.34
H81 NAG C . -5.57 15.54 11.78
H82 NAG C . -4.25 14.45 11.93
H83 NAG C . -4.04 16.11 12.37
HN2 NAG C . -3.27 14.29 14.10
HO3 NAG C . -2.68 16.65 16.92
HO6 NAG C . -5.38 12.93 19.51
C1 NAG C . -2.80 15.81 19.69
C2 NAG C . -1.76 15.82 20.79
C3 NAG C . -2.38 16.44 21.99
C4 NAG C . -2.77 17.83 21.57
C5 NAG C . -3.93 17.67 20.61
C6 NAG C . -4.62 19.01 20.39
C7 NAG C . -0.20 14.02 20.81
C8 NAG C . 0.21 12.68 21.30
N2 NAG C . -1.36 14.51 21.22
O3 NAG C . -1.40 16.47 23.03
O4 NAG C . -3.15 18.58 22.72
O5 NAG C . -3.41 17.06 19.44
O6 NAG C . -4.37 19.48 19.08
O7 NAG C . 0.50 14.65 20.09
H2 NAG C . -0.88 16.40 20.48
H3 NAG C . -3.27 15.88 22.29
H4 NAG C . -1.93 18.31 21.05
H5 NAG C . -4.66 16.98 21.06
H61 NAG C . -4.25 19.73 21.12
H62 NAG C . -5.69 18.88 20.55
H81 NAG C . 1.10 12.38 20.82
H82 NAG C . -0.56 11.98 21.09
H83 NAG C . 0.37 12.73 22.34
HN2 NAG C . -1.95 13.99 21.83
HO3 NAG C . -1.55 17.25 23.58
HO4 NAG C . -3.15 19.52 22.49
HO6 NAG C . -3.45 19.34 18.84
C1 EDO D . 36.25 -10.48 2.22
O1 EDO D . 35.01 -11.18 2.23
C2 EDO D . 36.51 -9.90 0.84
O2 EDO D . 36.68 -10.96 -0.11
H11 EDO D . 36.23 -9.68 2.97
H12 EDO D . 37.06 -11.16 2.50
HO1 EDO D . 34.85 -11.55 3.10
H21 EDO D . 37.43 -9.29 0.87
H22 EDO D . 35.69 -9.25 0.55
HO2 EDO D . 36.84 -10.57 -0.98
C1 EDO E . -0.25 -12.88 -11.17
O1 EDO E . -0.32 -11.54 -11.69
C2 EDO E . 1.11 -13.49 -11.48
O2 EDO E . 2.01 -13.29 -10.38
H11 EDO E . -1.04 -13.49 -11.62
H12 EDO E . -0.40 -12.86 -10.10
HO1 EDO E . -1.18 -11.16 -11.49
H21 EDO E . 1.00 -14.57 -11.66
H22 EDO E . 1.52 -13.04 -12.38
HO2 EDO E . 2.87 -13.68 -10.58
C1 EDO F . -7.60 -11.76 3.73
O1 EDO F . -8.65 -10.86 3.36
C2 EDO F . -6.54 -11.79 2.63
O2 EDO F . -5.99 -10.48 2.46
H11 EDO F . -8.02 -12.76 3.87
H12 EDO F . -7.15 -11.44 4.68
HO1 EDO F . -9.32 -10.84 4.05
H21 EDO F . -7.00 -12.13 1.70
H22 EDO F . -5.75 -12.48 2.91
HO2 EDO F . -5.32 -10.50 1.77
C1 EDO G . 21.39 -21.12 -8.20
O1 EDO G . 21.21 -20.33 -7.02
C2 EDO G . 20.05 -21.30 -8.89
O2 EDO G . 20.16 -20.92 -10.26
H11 EDO G . 21.91 -22.03 -7.95
H12 EDO G . 22.05 -20.57 -8.88
HO1 EDO G . 22.07 -20.21 -6.58
H21 EDO G . 19.73 -22.35 -8.82
H22 EDO G . 19.29 -20.69 -8.40
HO2 EDO G . 19.31 -21.04 -10.70
C1 EDO H . 4.91 -18.43 -17.19
O1 EDO H . 4.19 -19.59 -17.61
C2 EDO H . 4.19 -17.76 -16.03
O2 EDO H . 4.71 -18.23 -14.79
H11 EDO H . 5.00 -17.73 -18.03
H12 EDO H . 5.92 -18.70 -16.88
HO1 EDO H . 4.65 -20.01 -18.35
H21 EDO H . 3.21 -18.18 -16.00
H22 EDO H . 4.10 -16.70 -16.11
HO2 EDO H . 4.25 -17.80 -14.06
C1 PEG I . 16.68 -15.23 -14.26
O1 PEG I . 15.83 -14.11 -14.54
C2 PEG I . 17.58 -14.94 -13.07
O2 PEG I . 18.63 -15.91 -13.06
C3 PEG I . 19.03 -16.26 -11.73
C4 PEG I . 19.96 -17.46 -11.81
O4 PEG I . 19.91 -18.19 -10.58
H11 PEG I . 17.29 -15.43 -15.13
H12 PEG I . 16.06 -16.10 -14.05
HO1 PEG I . 15.14 -14.36 -15.12
H21 PEG I . 18.00 -13.94 -13.15
H22 PEG I . 17.00 -15.03 -12.17
H31 PEG I . 19.55 -15.43 -11.28
H32 PEG I . 18.16 -16.51 -11.14
H41 PEG I . 20.98 -17.12 -11.99
H42 PEG I . 19.65 -18.11 -12.61
HO4 PEG I . 20.51 -18.92 -10.62
C1 PEG J . 28.32 -5.64 4.49
O1 PEG J . 29.12 -6.61 3.79
C2 PEG J . 29.18 -4.46 4.92
O2 PEG J . 29.67 -3.82 3.75
C3 PEG J . 31.10 -3.74 3.79
C4 PEG J . 31.61 -4.90 2.93
O4 PEG J . 32.26 -5.87 3.78
H11 PEG J . 27.54 -5.32 3.81
H12 PEG J . 27.87 -6.10 5.36
HO1 PEG J . 28.77 -7.47 3.94
H21 PEG J . 29.99 -4.83 5.56
H22 PEG J . 28.58 -3.77 5.48
H31 PEG J . 31.50 -3.80 4.80
H32 PEG J . 31.42 -2.82 3.33
H41 PEG J . 30.78 -5.36 2.42
H42 PEG J . 32.34 -4.54 2.23
HO4 PEG J . 33.00 -6.23 3.33
C1 PEG K . 3.76 -18.42 -6.79
O1 PEG K . 5.05 -18.35 -6.15
C2 PEG K . 2.91 -17.28 -6.25
O2 PEG K . 3.81 -16.27 -5.79
C3 PEG K . 3.32 -15.63 -4.63
C4 PEG K . 3.98 -16.26 -3.41
O4 PEG K . 3.10 -17.24 -2.84
H11 PEG K . 3.88 -18.32 -7.87
H12 PEG K . 3.29 -19.38 -6.56
HO1 PEG K . 5.06 -18.94 -5.41
H21 PEG K . 2.32 -17.66 -5.42
H22 PEG K . 2.26 -16.89 -7.02
H31 PEG K . 2.26 -15.69 -4.55
H32 PEG K . 3.61 -14.59 -4.66
H41 PEG K . 4.92 -16.74 -3.71
H42 PEG K . 4.21 -15.50 -2.67
HO4 PEG K . 3.33 -17.37 -1.93
C1 PEG L . 6.17 -4.26 -9.12
O1 PEG L . 7.19 -4.61 -8.18
C2 PEG L . 6.76 -3.37 -10.21
O2 PEG L . 7.31 -2.21 -9.61
C3 PEG L . 8.44 -1.74 -10.33
C4 PEG L . 9.16 -0.70 -9.49
O4 PEG L . 9.58 -1.30 -8.25
H11 PEG L . 5.44 -3.69 -8.57
H12 PEG L . 5.74 -5.15 -9.55
HO1 PEG L . 6.84 -5.26 -7.57
H21 PEG L . 5.97 -3.08 -10.90
H22 PEG L . 7.52 -3.91 -10.76
H31 PEG L . 8.14 -1.31 -11.28
H32 PEG L . 9.13 -2.56 -10.52
H41 PEG L . 10.03 -0.33 -10.02
H42 PEG L . 8.49 0.12 -9.28
HO4 PEG L . 10.28 -1.91 -8.43
C1 PEG M . 28.26 -10.38 1.31
O1 PEG M . 29.48 -10.79 0.70
C2 PEG M . 27.23 -11.50 1.20
O2 PEG M . 26.14 -11.17 2.08
C3 PEG M . 26.12 -12.07 3.17
C4 PEG M . 25.20 -11.54 4.26
O4 PEG M . 25.92 -10.67 5.14
H11 PEG M . 28.44 -10.16 2.35
H12 PEG M . 27.89 -9.50 0.82
HO1 PEG M . 30.10 -10.08 0.72
H21 PEG M . 26.86 -11.59 0.18
H22 PEG M . 27.68 -12.43 1.51
H31 PEG M . 25.76 -13.04 2.83
H32 PEG M . 27.12 -12.19 3.59
H41 PEG M . 24.35 -11.03 3.82
H42 PEG M . 24.86 -12.37 4.84
HO4 PEG M . 26.18 -11.15 5.91
#